data_5ZJ0
#
_entry.id   5ZJ0
#
_cell.length_a   100.182
_cell.length_b   63.695
_cell.length_c   51.284
_cell.angle_alpha   90.00
_cell.angle_beta   105.16
_cell.angle_gamma   90.00
#
_symmetry.space_group_name_H-M   'C 1 2 1'
#
loop_
_entity.id
_entity.type
_entity.pdbx_description
1 polymer 'Flagellar hook protein FlgL'
2 water water
#
_entity_poly.entity_id   1
_entity_poly.type   'polypeptide(L)'
_entity_poly.pdbx_seq_one_letter_code
;GSAKDPAGTAVGLDRALAAITRFGENANNVQNRLGLQENALAQAGDK(MSE)ARVTELAVQSNNSSLSPDDRKAIASELT
ALRDS(MSE)VSLANSTDGTGRYLFAGTSDGNAPFIKSNGNVLYNGDQTQKQVEVAPDTFVSDTLPGSEIF(MSE)RIRT
GDGSVDAHANATNTGTGLLLDFSRDASSGSWNGGSYSVQFTAADTYEVRDSTNALVSTGTYKDGEDINAAGVR(MSE)RI
SGAPAVGDSFQIGASGTKDVFSTIDD(MSE)VAALNSDTQTPTQKAA(MSE)INTLQSS(MSE)RDIAQASSK(MSE)ID
ARASGGAQLSVIDNANSLLESNEVTLKTTLSSIRD
;
_entity_poly.pdbx_strand_id   A
#
# COMPACT_ATOMS: atom_id res chain seq x y z
N LEU A 13 30.24 -29.99 -25.97
CA LEU A 13 28.82 -30.20 -26.40
C LEU A 13 27.88 -30.42 -25.23
N ASP A 14 28.25 -31.31 -24.32
CA ASP A 14 27.41 -31.65 -23.15
C ASP A 14 27.08 -30.42 -22.31
N ARG A 15 28.04 -29.50 -22.19
CA ARG A 15 27.84 -28.28 -21.39
C ARG A 15 26.90 -27.31 -22.10
N ALA A 16 27.03 -27.22 -23.43
CA ALA A 16 26.13 -26.38 -24.23
C ALA A 16 24.68 -26.88 -24.21
N LEU A 17 24.48 -28.20 -24.28
CA LEU A 17 23.13 -28.78 -24.30
C LEU A 17 22.43 -28.68 -22.92
N ALA A 18 23.20 -28.84 -21.84
CA ALA A 18 22.68 -28.66 -20.50
C ALA A 18 22.19 -27.22 -20.30
N ALA A 19 22.99 -26.27 -20.79
CA ALA A 19 22.65 -24.86 -20.71
C ALA A 19 21.30 -24.55 -21.37
N ILE A 20 21.07 -25.07 -22.59
CA ILE A 20 19.82 -24.75 -23.29
C ILE A 20 18.63 -25.49 -22.65
N THR A 21 18.85 -26.71 -22.15
CA THR A 21 17.81 -27.41 -21.38
C THR A 21 17.41 -26.60 -20.14
N ARG A 22 18.41 -26.00 -19.50
CA ARG A 22 18.19 -25.26 -18.28
C ARG A 22 17.41 -23.98 -18.61
N PHE A 23 17.78 -23.31 -19.69
CA PHE A 23 17.11 -22.11 -20.16
C PHE A 23 15.64 -22.38 -20.45
N GLY A 24 15.37 -23.51 -21.11
CA GLY A 24 13.99 -23.90 -21.41
C GLY A 24 13.14 -24.14 -20.18
N GLU A 25 13.68 -24.88 -19.23
CA GLU A 25 13.00 -25.14 -17.96
C GLU A 25 12.78 -23.84 -17.17
N ASN A 26 13.82 -23.01 -17.12
CA ASN A 26 13.78 -21.74 -16.38
C ASN A 26 12.69 -20.82 -16.92
N ALA A 27 12.67 -20.65 -18.25
CA ALA A 27 11.67 -19.85 -18.94
C ALA A 27 10.25 -20.33 -18.65
N ASN A 28 10.01 -21.63 -18.76
CA ASN A 28 8.69 -22.19 -18.49
C ASN A 28 8.26 -21.98 -17.05
N ASN A 29 9.18 -22.20 -16.12
CA ASN A 29 8.92 -22.05 -14.70
C ASN A 29 8.62 -20.60 -14.31
N VAL A 30 9.43 -19.67 -14.78
CA VAL A 30 9.17 -18.27 -14.46
C VAL A 30 7.93 -17.75 -15.20
N GLN A 31 7.70 -18.22 -16.42
CA GLN A 31 6.50 -17.84 -17.15
C GLN A 31 5.22 -18.25 -16.40
N ASN A 32 5.17 -19.50 -15.93
CA ASN A 32 4.04 -19.99 -15.10
C ASN A 32 3.81 -19.11 -13.89
N ARG A 33 4.89 -18.88 -13.13
CA ARG A 33 4.76 -18.19 -11.87
C ARG A 33 4.30 -16.76 -12.09
N LEU A 34 4.88 -16.09 -13.09
CA LEU A 34 4.48 -14.73 -13.41
C LEU A 34 3.01 -14.67 -13.87
N GLY A 35 2.55 -15.70 -14.55
CA GLY A 35 1.15 -15.76 -14.98
C GLY A 35 0.22 -15.96 -13.81
N LEU A 36 0.58 -16.83 -12.88
CA LEU A 36 -0.22 -17.01 -11.65
C LEU A 36 -0.19 -15.76 -10.76
N GLN A 37 0.95 -15.07 -10.71
CA GLN A 37 1.02 -13.78 -10.03
C GLN A 37 0.07 -12.75 -10.64
N GLU A 38 0.04 -12.63 -11.97
CA GLU A 38 -0.90 -11.70 -12.62
C GLU A 38 -2.33 -12.04 -12.24
N ASN A 39 -2.70 -13.33 -12.25
CA ASN A 39 -4.05 -13.73 -11.89
C ASN A 39 -4.37 -13.35 -10.43
N ALA A 40 -3.48 -13.72 -9.51
CA ALA A 40 -3.63 -13.43 -8.09
C ALA A 40 -3.77 -11.95 -7.84
N LEU A 41 -2.92 -11.16 -8.51
CA LEU A 41 -2.92 -9.72 -8.27
C LEU A 41 -4.02 -9.02 -9.02
N ALA A 42 -4.47 -9.58 -10.14
CA ALA A 42 -5.68 -9.06 -10.77
C ALA A 42 -6.86 -9.19 -9.80
N GLN A 43 -6.97 -10.36 -9.17
CA GLN A 43 -8.05 -10.62 -8.21
C GLN A 43 -7.90 -9.70 -7.01
N ALA A 44 -6.68 -9.57 -6.52
CA ALA A 44 -6.42 -8.70 -5.37
C ALA A 44 -6.68 -7.21 -5.70
N GLY A 45 -6.41 -6.83 -6.96
CA GLY A 45 -6.70 -5.49 -7.48
C GLY A 45 -8.19 -5.15 -7.55
N ASP A 46 -9.02 -6.13 -7.93
CA ASP A 46 -10.47 -5.97 -7.89
C ASP A 46 -10.95 -5.77 -6.45
N LYS A 47 -10.36 -6.51 -5.51
CA LYS A 47 -10.80 -6.41 -4.12
C LYS A 47 -10.36 -5.07 -3.59
N ALA A 49 -9.91 -2.38 -5.35
CA ALA A 49 -10.80 -1.35 -5.93
C ALA A 49 -12.13 -1.25 -5.18
N ARG A 50 -12.66 -2.39 -4.74
CA ARG A 50 -13.88 -2.36 -3.92
C ARG A 50 -13.60 -1.75 -2.53
N VAL A 51 -12.44 -2.08 -1.94
CA VAL A 51 -12.03 -1.45 -0.67
C VAL A 51 -11.91 0.07 -0.81
N THR A 52 -11.33 0.51 -1.93
CA THR A 52 -11.19 1.94 -2.21
C THR A 52 -12.55 2.61 -2.31
N GLU A 53 -13.49 1.97 -2.99
CA GLU A 53 -14.81 2.56 -3.16
C GLU A 53 -15.53 2.67 -1.83
N LEU A 54 -15.40 1.64 -1.01
CA LEU A 54 -16.02 1.64 0.31
C LEU A 54 -15.36 2.68 1.22
N ALA A 55 -14.06 2.93 1.04
CA ALA A 55 -13.36 3.97 1.80
C ALA A 55 -13.87 5.33 1.41
N VAL A 56 -14.09 5.55 0.12
CA VAL A 56 -14.72 6.79 -0.32
C VAL A 56 -16.14 6.94 0.33
N GLN A 57 -16.97 5.89 0.26
CA GLN A 57 -18.33 5.94 0.85
C GLN A 57 -18.27 6.17 2.36
N SER A 58 -17.28 5.57 3.03
CA SER A 58 -17.14 5.71 4.49
C SER A 58 -16.98 7.17 4.92
N ASN A 59 -16.47 8.01 4.00
CA ASN A 59 -16.22 9.41 4.29
C ASN A 59 -17.47 10.27 4.05
N ASN A 60 -18.56 9.66 3.59
CA ASN A 60 -19.88 10.34 3.58
C ASN A 60 -20.39 10.40 5.02
N SER A 61 -20.29 11.58 5.65
CA SER A 61 -20.58 11.74 7.05
C SER A 61 -22.08 11.70 7.38
N SER A 62 -22.93 11.67 6.36
CA SER A 62 -24.39 11.53 6.57
C SER A 62 -24.86 10.07 6.64
N LEU A 63 -23.98 9.10 6.46
CA LEU A 63 -24.38 7.69 6.48
C LEU A 63 -24.88 7.33 7.89
N SER A 64 -25.90 6.46 7.94
CA SER A 64 -26.41 5.96 9.22
C SER A 64 -25.45 4.96 9.86
N PRO A 65 -25.56 4.77 11.18
CA PRO A 65 -24.78 3.70 11.84
C PRO A 65 -24.98 2.35 11.16
N ASP A 66 -26.18 2.15 10.66
CA ASP A 66 -26.58 0.95 9.97
C ASP A 66 -25.86 0.84 8.59
N ASP A 67 -25.71 1.97 7.90
CA ASP A 67 -25.00 2.00 6.63
C ASP A 67 -23.50 1.73 6.89
N ARG A 68 -22.94 2.36 7.90
CA ARG A 68 -21.55 2.12 8.28
C ARG A 68 -21.27 0.65 8.61
N LYS A 69 -22.20 -0.03 9.29
CA LYS A 69 -21.95 -1.40 9.74
C LYS A 69 -21.95 -2.35 8.54
N ALA A 70 -22.76 -2.02 7.52
CA ALA A 70 -22.77 -2.77 6.26
C ALA A 70 -21.43 -2.64 5.55
N ILE A 71 -20.90 -1.43 5.50
CA ILE A 71 -19.60 -1.20 4.86
C ILE A 71 -18.51 -1.93 5.63
N ALA A 72 -18.52 -1.83 6.97
CA ALA A 72 -17.55 -2.55 7.81
C ALA A 72 -17.57 -4.06 7.58
N SER A 73 -18.76 -4.63 7.49
CA SER A 73 -18.94 -6.07 7.22
C SER A 73 -18.29 -6.49 5.88
N GLU A 74 -18.52 -5.72 4.83
CA GLU A 74 -17.93 -6.02 3.53
C GLU A 74 -16.41 -5.85 3.54
N LEU A 75 -15.94 -4.77 4.16
CA LEU A 75 -14.49 -4.56 4.29
C LEU A 75 -13.81 -5.74 4.99
N THR A 76 -14.43 -6.28 6.03
CA THR A 76 -13.86 -7.43 6.76
C THR A 76 -13.71 -8.64 5.83
N ALA A 77 -14.72 -8.89 5.01
CA ALA A 77 -14.70 -10.00 4.05
C ALA A 77 -13.62 -9.80 3.02
N LEU A 78 -13.46 -8.56 2.55
CA LEU A 78 -12.46 -8.23 1.55
C LEU A 78 -11.04 -8.40 2.12
N ARG A 79 -10.84 -7.94 3.34
CA ARG A 79 -9.58 -8.07 4.04
C ARG A 79 -9.22 -9.55 4.14
N ASP A 80 -10.16 -10.38 4.57
CA ASP A 80 -9.86 -11.82 4.69
C ASP A 80 -9.50 -12.43 3.33
N SER A 81 -10.24 -12.09 2.28
CA SER A 81 -9.95 -12.64 0.95
CA SER A 81 -9.97 -12.61 0.93
C SER A 81 -8.59 -12.17 0.44
N VAL A 83 -6.00 -11.68 2.33
CA VAL A 83 -5.00 -12.49 3.01
C VAL A 83 -4.84 -13.83 2.28
N SER A 84 -5.95 -14.43 1.87
CA SER A 84 -5.90 -15.70 1.14
C SER A 84 -5.19 -15.50 -0.18
N LEU A 85 -5.47 -14.39 -0.86
CA LEU A 85 -4.81 -14.11 -2.15
C LEU A 85 -3.31 -13.88 -1.97
N ALA A 86 -2.94 -13.25 -0.85
CA ALA A 86 -1.54 -13.02 -0.51
C ALA A 86 -0.77 -14.32 -0.22
N ASN A 87 -1.51 -15.36 0.17
CA ASN A 87 -0.96 -16.69 0.39
C ASN A 87 -1.17 -17.60 -0.84
N SER A 88 -1.32 -17.03 -2.04
CA SER A 88 -1.42 -17.84 -3.27
C SER A 88 -0.16 -18.70 -3.48
N THR A 89 -0.35 -19.84 -4.13
CA THR A 89 0.73 -20.77 -4.39
C THR A 89 0.87 -20.99 -5.91
N ASP A 90 1.94 -21.67 -6.33
CA ASP A 90 2.26 -21.84 -7.75
C ASP A 90 1.95 -23.18 -8.38
N GLY A 91 1.20 -24.06 -7.74
CA GLY A 91 0.89 -25.35 -8.40
C GLY A 91 1.99 -26.39 -8.32
N THR A 92 3.12 -26.02 -7.73
CA THR A 92 3.90 -26.99 -6.95
C THR A 92 3.66 -26.66 -5.47
N GLY A 93 2.63 -25.88 -5.18
CA GLY A 93 2.35 -25.44 -3.84
C GLY A 93 3.44 -24.56 -3.22
N ARG A 94 4.51 -24.18 -3.96
CA ARG A 94 5.42 -23.16 -3.47
C ARG A 94 4.62 -21.85 -3.42
N TYR A 95 4.81 -21.07 -2.36
CA TYR A 95 4.11 -19.77 -2.26
C TYR A 95 4.66 -18.76 -3.30
N LEU A 96 3.76 -17.98 -3.91
CA LEU A 96 4.11 -16.91 -4.86
C LEU A 96 4.71 -15.67 -4.24
N PHE A 97 4.30 -15.35 -3.01
CA PHE A 97 4.56 -14.01 -2.45
C PHE A 97 5.33 -14.06 -1.13
N ALA A 98 6.28 -14.98 -1.06
CA ALA A 98 7.02 -15.28 0.16
C ALA A 98 8.52 -15.01 -0.02
N GLY A 99 8.91 -14.45 -1.15
CA GLY A 99 10.32 -14.37 -1.52
C GLY A 99 10.88 -15.77 -1.64
N THR A 100 12.10 -15.97 -1.14
CA THR A 100 12.76 -17.28 -1.25
C THR A 100 12.39 -18.26 -0.14
N SER A 101 11.70 -17.82 0.92
CA SER A 101 11.17 -18.74 1.95
C SER A 101 9.74 -19.16 1.58
N ASP A 102 9.65 -19.98 0.54
CA ASP A 102 8.40 -20.26 -0.17
C ASP A 102 7.76 -21.61 0.21
N GLY A 103 8.14 -22.15 1.38
CA GLY A 103 7.63 -23.44 1.87
C GLY A 103 6.46 -23.34 2.85
N ASN A 104 6.44 -22.28 3.66
CA ASN A 104 5.34 -22.02 4.60
C ASN A 104 4.62 -20.73 4.24
N ALA A 105 3.33 -20.64 4.60
CA ALA A 105 2.50 -19.51 4.17
C ALA A 105 3.12 -18.22 4.70
N PRO A 106 3.36 -17.23 3.82
CA PRO A 106 4.04 -16.02 4.29
C PRO A 106 3.17 -15.04 5.09
N PHE A 107 1.86 -15.06 4.94
CA PHE A 107 1.01 -14.12 5.67
C PHE A 107 0.26 -14.87 6.75
N ILE A 108 0.57 -14.56 7.99
CA ILE A 108 -0.02 -15.30 9.11
C ILE A 108 -0.73 -14.35 10.07
N LYS A 109 -1.85 -14.82 10.60
CA LYS A 109 -2.64 -14.02 11.50
C LYS A 109 -2.12 -14.20 12.91
N SER A 110 -1.89 -13.07 13.58
CA SER A 110 -1.49 -13.07 14.97
C SER A 110 -2.19 -11.92 15.70
N ASN A 111 -3.04 -12.24 16.68
CA ASN A 111 -3.65 -11.21 17.53
C ASN A 111 -4.37 -10.09 16.77
N GLY A 112 -5.06 -10.48 15.71
CA GLY A 112 -5.82 -9.56 14.88
C GLY A 112 -5.04 -8.80 13.83
N ASN A 113 -3.73 -9.06 13.74
CA ASN A 113 -2.84 -8.44 12.78
C ASN A 113 -2.43 -9.49 11.78
N VAL A 114 -1.94 -9.06 10.62
CA VAL A 114 -1.34 -9.97 9.65
C VAL A 114 0.15 -9.70 9.62
N LEU A 115 0.93 -10.75 9.86
CA LEU A 115 2.39 -10.66 9.87
C LEU A 115 2.95 -11.26 8.58
N TYR A 116 4.12 -10.78 8.15
CA TYR A 116 4.80 -11.32 6.96
C TYR A 116 5.99 -12.13 7.40
N ASN A 117 5.97 -13.44 7.09
CA ASN A 117 7.04 -14.38 7.45
C ASN A 117 7.84 -14.88 6.28
N GLY A 118 7.59 -14.35 5.09
CA GLY A 118 8.47 -14.59 3.94
C GLY A 118 9.75 -13.77 4.11
N ASP A 119 10.54 -13.68 3.06
CA ASP A 119 11.76 -12.86 3.07
C ASP A 119 11.69 -11.80 1.98
N GLN A 120 12.76 -11.03 1.85
CA GLN A 120 12.80 -9.85 0.99
C GLN A 120 13.43 -10.10 -0.38
N THR A 121 13.79 -11.35 -0.65
CA THR A 121 14.57 -11.68 -1.85
C THR A 121 13.67 -12.04 -3.05
N GLN A 122 13.87 -11.31 -4.16
CA GLN A 122 13.21 -11.60 -5.42
C GLN A 122 14.22 -12.29 -6.34
N LYS A 123 13.93 -13.54 -6.72
CA LYS A 123 14.80 -14.39 -7.52
C LYS A 123 14.92 -13.89 -8.98
N GLN A 124 16.14 -14.00 -9.54
CA GLN A 124 16.39 -13.71 -10.95
C GLN A 124 16.67 -15.03 -11.69
N VAL A 125 15.98 -15.23 -12.80
CA VAL A 125 15.92 -16.52 -13.48
C VAL A 125 16.55 -16.36 -14.87
N GLU A 126 17.62 -17.12 -15.14
CA GLU A 126 18.33 -17.04 -16.41
C GLU A 126 17.57 -17.79 -17.51
N VAL A 127 17.13 -17.07 -18.53
CA VAL A 127 16.30 -17.61 -19.60
C VAL A 127 17.04 -17.73 -20.93
N ALA A 128 18.23 -17.13 -20.99
CA ALA A 128 19.11 -17.17 -22.14
C ALA A 128 20.47 -16.70 -21.62
N PRO A 129 21.53 -16.85 -22.43
CA PRO A 129 22.83 -16.55 -21.85
C PRO A 129 22.90 -15.10 -21.34
N ASP A 130 23.29 -14.94 -20.08
CA ASP A 130 23.40 -13.64 -19.40
C ASP A 130 22.09 -12.82 -19.33
N THR A 131 20.93 -13.47 -19.50
CA THR A 131 19.66 -12.79 -19.68
C THR A 131 18.72 -13.25 -18.60
N PHE A 132 18.39 -12.35 -17.70
CA PHE A 132 17.63 -12.71 -16.52
C PHE A 132 16.24 -12.08 -16.52
N VAL A 133 15.28 -12.81 -15.98
CA VAL A 133 13.90 -12.32 -15.81
C VAL A 133 13.56 -12.48 -14.33
N SER A 134 12.99 -11.44 -13.71
CA SER A 134 12.62 -11.50 -12.28
C SER A 134 11.44 -12.44 -12.06
N ASP A 135 11.54 -13.22 -10.98
CA ASP A 135 10.43 -14.05 -10.52
C ASP A 135 9.43 -13.14 -9.79
N THR A 136 8.49 -13.74 -9.08
CA THR A 136 7.40 -12.98 -8.48
C THR A 136 7.92 -12.06 -7.37
N LEU A 137 7.11 -11.08 -7.04
CA LEU A 137 7.46 -10.12 -5.99
C LEU A 137 7.36 -10.70 -4.58
N PRO A 138 8.33 -10.34 -3.72
CA PRO A 138 8.14 -10.64 -2.30
C PRO A 138 6.87 -9.96 -1.78
N GLY A 139 6.12 -10.64 -0.91
CA GLY A 139 4.84 -10.14 -0.45
C GLY A 139 4.95 -8.84 0.33
N SER A 140 6.08 -8.62 0.99
CA SER A 140 6.35 -7.36 1.66
C SER A 140 6.21 -6.15 0.73
N GLU A 141 6.51 -6.33 -0.56
CA GLU A 141 6.52 -5.22 -1.52
C GLU A 141 5.18 -4.95 -2.18
N ILE A 142 4.20 -5.81 -1.91
CA ILE A 142 2.84 -5.60 -2.38
C ILE A 142 1.96 -5.15 -1.23
N PHE A 143 2.02 -5.88 -0.11
CA PHE A 143 1.04 -5.77 0.97
C PHE A 143 1.50 -5.06 2.23
N ARG A 145 4.83 -3.00 2.86
CA ARG A 145 5.70 -1.82 2.89
C ARG A 145 5.05 -0.64 2.18
N ILE A 146 3.99 -0.13 2.79
CA ILE A 146 3.15 0.92 2.22
C ILE A 146 3.22 2.15 3.11
N ARG A 147 3.55 3.28 2.49
CA ARG A 147 3.64 4.56 3.21
C ARG A 147 2.26 5.10 3.48
N THR A 148 2.12 5.87 4.56
CA THR A 148 0.84 6.50 4.94
C THR A 148 0.75 7.95 4.53
N GLY A 149 -0.40 8.56 4.78
CA GLY A 149 -0.64 9.95 4.40
C GLY A 149 -0.61 10.11 2.89
N ASP A 150 0.23 11.02 2.42
CA ASP A 150 0.43 11.18 0.98
C ASP A 150 1.71 10.50 0.46
N GLY A 151 2.35 9.67 1.29
CA GLY A 151 3.62 9.02 0.93
C GLY A 151 4.83 9.74 1.49
N SER A 152 4.68 11.05 1.68
CA SER A 152 5.75 11.92 2.15
C SER A 152 5.44 12.43 3.54
N VAL A 153 4.27 13.04 3.68
CA VAL A 153 3.81 13.55 4.97
C VAL A 153 2.51 12.86 5.41
N ASP A 154 2.31 12.81 6.72
CA ASP A 154 1.08 12.28 7.28
C ASP A 154 0.62 13.25 8.38
N ALA A 155 -0.68 13.32 8.62
CA ALA A 155 -1.19 14.21 9.65
C ALA A 155 -2.47 13.64 10.24
N HIS A 156 -2.70 13.93 11.53
CA HIS A 156 -3.91 13.44 12.22
C HIS A 156 -4.45 14.46 13.23
N ALA A 157 -5.79 14.52 13.34
CA ALA A 157 -6.43 15.15 14.48
C ALA A 157 -6.06 14.37 15.73
N ASN A 158 -5.73 15.07 16.80
CA ASN A 158 -5.36 14.40 18.03
C ASN A 158 -6.55 13.61 18.55
N ALA A 159 -6.28 12.41 19.08
CA ALA A 159 -7.34 11.51 19.53
C ALA A 159 -8.17 12.09 20.68
N THR A 160 -7.61 13.04 21.44
CA THR A 160 -8.30 13.63 22.60
C THR A 160 -9.02 14.96 22.34
N ASN A 161 -9.06 15.41 21.08
CA ASN A 161 -9.79 16.62 20.71
C ASN A 161 -11.25 16.58 21.20
N THR A 162 -11.75 17.72 21.69
CA THR A 162 -13.13 17.83 22.15
C THR A 162 -14.09 18.61 21.24
N GLY A 163 -13.53 19.33 20.27
CA GLY A 163 -14.33 20.09 19.28
C GLY A 163 -14.70 19.30 18.03
N THR A 164 -15.02 20.03 16.96
CA THR A 164 -15.49 19.41 15.70
C THR A 164 -14.58 19.74 14.50
N GLY A 165 -13.32 20.02 14.79
CA GLY A 165 -12.32 20.31 13.77
C GLY A 165 -12.03 19.14 12.86
N LEU A 166 -12.32 19.28 11.57
CA LEU A 166 -11.97 18.25 10.59
C LEU A 166 -10.69 18.61 9.89
N LEU A 167 -9.78 17.66 9.81
CA LEU A 167 -8.58 17.79 9.01
C LEU A 167 -8.96 17.32 7.61
N LEU A 168 -9.22 18.27 6.71
CA LEU A 168 -9.74 17.95 5.39
C LEU A 168 -8.67 17.50 4.40
N ASP A 169 -7.46 18.04 4.56
CA ASP A 169 -6.35 17.69 3.70
C ASP A 169 -5.08 18.39 4.17
N PHE A 170 -3.97 18.00 3.58
CA PHE A 170 -2.68 18.53 3.92
C PHE A 170 -1.69 18.14 2.84
N SER A 171 -0.54 18.81 2.85
CA SER A 171 0.54 18.49 1.91
C SER A 171 1.82 19.22 2.28
N ARG A 172 2.90 18.88 1.57
CA ARG A 172 4.10 19.73 1.54
C ARG A 172 3.72 21.03 0.83
N ASP A 173 4.42 22.10 1.18
CA ASP A 173 4.08 23.42 0.66
C ASP A 173 5.37 24.21 0.49
N ALA A 174 5.79 24.39 -0.76
CA ALA A 174 7.02 25.11 -1.07
C ALA A 174 7.00 26.61 -0.69
N SER A 175 5.83 27.15 -0.34
CA SER A 175 5.70 28.59 -0.05
C SER A 175 6.20 29.00 1.35
N SER A 176 5.91 28.18 2.36
CA SER A 176 6.34 28.46 3.74
C SER A 176 7.79 28.05 4.05
N GLY A 177 8.50 27.50 3.06
CA GLY A 177 9.90 27.07 3.21
C GLY A 177 10.10 25.66 2.71
N SER A 178 11.34 25.17 2.78
CA SER A 178 11.65 23.79 2.44
C SER A 178 11.50 22.96 3.71
N TRP A 179 10.60 21.99 3.66
CA TRP A 179 10.29 21.15 4.83
C TRP A 179 11.49 20.30 5.22
N ASN A 180 11.84 20.33 6.51
CA ASN A 180 13.06 19.66 7.00
C ASN A 180 12.88 18.18 7.38
N GLY A 181 11.66 17.65 7.21
CA GLY A 181 11.34 16.27 7.61
C GLY A 181 10.78 16.15 9.02
N GLY A 182 10.79 17.25 9.77
CA GLY A 182 10.40 17.23 11.17
C GLY A 182 8.90 17.17 11.40
N SER A 183 8.53 17.03 12.68
CA SER A 183 7.13 16.99 13.11
C SER A 183 6.71 18.31 13.75
N TYR A 184 5.43 18.63 13.61
CA TYR A 184 4.88 19.90 14.07
C TYR A 184 3.49 19.65 14.63
N SER A 185 3.02 20.57 15.48
CA SER A 185 1.69 20.49 16.07
C SER A 185 0.97 21.81 15.92
N VAL A 186 -0.24 21.77 15.36
CA VAL A 186 -1.10 22.94 15.28
C VAL A 186 -2.08 22.85 16.45
N GLN A 187 -1.98 23.81 17.37
CA GLN A 187 -2.78 23.79 18.60
C GLN A 187 -3.58 25.08 18.80
N PHE A 188 -4.87 24.91 19.09
CA PHE A 188 -5.77 26.04 19.22
C PHE A 188 -5.76 26.61 20.62
N THR A 189 -5.44 27.90 20.69
CA THR A 189 -5.42 28.64 21.93
C THR A 189 -6.71 29.45 22.12
N ALA A 190 -7.52 29.56 21.06
CA ALA A 190 -8.82 30.23 21.09
C ALA A 190 -9.69 29.61 20.01
N ALA A 191 -10.99 29.91 20.00
CA ALA A 191 -11.86 29.43 18.91
C ALA A 191 -11.28 29.78 17.53
N ASP A 192 -10.72 30.98 17.41
CA ASP A 192 -10.23 31.47 16.11
C ASP A 192 -8.70 31.64 15.99
N THR A 193 -7.95 31.11 16.96
CA THR A 193 -6.51 31.34 16.99
C THR A 193 -5.76 30.05 17.24
N TYR A 194 -4.69 29.84 16.49
CA TYR A 194 -3.85 28.66 16.67
C TYR A 194 -2.39 29.06 16.77
N GLU A 195 -1.61 28.13 17.32
CA GLU A 195 -0.18 28.22 17.35
C GLU A 195 0.38 26.99 16.66
N VAL A 196 1.53 27.16 16.03
CA VAL A 196 2.24 26.07 15.40
C VAL A 196 3.51 25.88 16.21
N ARG A 197 3.76 24.65 16.63
CA ARG A 197 4.92 24.32 17.45
C ARG A 197 5.67 23.13 16.87
N ASP A 198 6.99 23.11 17.07
CA ASP A 198 7.82 22.00 16.56
C ASP A 198 7.92 20.87 17.60
N SER A 199 8.78 19.88 17.33
CA SER A 199 9.09 18.75 18.25
C SER A 199 9.28 19.13 19.71
N THR A 200 10.02 20.22 19.91
CA THR A 200 10.46 20.63 21.23
C THR A 200 9.41 21.52 21.95
N ASN A 201 8.19 21.59 21.42
CA ASN A 201 7.15 22.46 21.98
C ASN A 201 7.45 23.98 21.82
N ALA A 202 8.39 24.33 20.95
CA ALA A 202 8.78 25.74 20.74
C ALA A 202 7.89 26.41 19.68
N LEU A 203 7.57 27.69 19.90
CA LEU A 203 6.65 28.42 19.01
C LEU A 203 7.29 28.81 17.66
N VAL A 204 6.72 28.31 16.56
CA VAL A 204 7.18 28.62 15.21
C VAL A 204 6.42 29.83 14.67
N SER A 205 5.09 29.81 14.85
CA SER A 205 4.22 30.87 14.34
C SER A 205 2.84 30.75 14.98
N THR A 206 2.08 31.83 14.89
CA THR A 206 0.67 31.80 15.27
C THR A 206 -0.16 32.24 14.06
N GLY A 207 -1.47 32.03 14.13
CA GLY A 207 -2.35 32.40 13.02
C GLY A 207 -3.80 32.51 13.43
N THR A 208 -4.61 33.09 12.55
CA THR A 208 -6.06 33.16 12.78
C THR A 208 -6.71 32.08 11.94
N TYR A 209 -7.58 31.30 12.58
CA TYR A 209 -8.32 30.21 11.91
C TYR A 209 -9.59 30.72 11.23
N LYS A 210 -9.75 30.37 9.94
CA LYS A 210 -11.04 30.53 9.22
C LYS A 210 -11.32 29.24 8.48
N ASP A 211 -12.55 28.70 8.60
CA ASP A 211 -12.94 27.43 7.97
C ASP A 211 -12.38 27.27 6.55
N GLY A 212 -11.72 26.15 6.30
CA GLY A 212 -11.27 25.82 4.94
C GLY A 212 -10.12 26.63 4.39
N GLU A 213 -9.58 27.55 5.19
CA GLU A 213 -8.42 28.35 4.80
C GLU A 213 -7.11 27.62 5.20
N ASP A 214 -6.14 27.61 4.31
CA ASP A 214 -4.92 26.85 4.55
C ASP A 214 -4.21 27.39 5.78
N ILE A 215 -3.69 26.46 6.60
CA ILE A 215 -2.80 26.80 7.68
C ILE A 215 -1.40 26.41 7.16
N ASN A 216 -0.50 27.38 7.04
CA ASN A 216 0.82 27.17 6.42
C ASN A 216 1.96 27.45 7.37
N ALA A 217 2.87 26.48 7.53
CA ALA A 217 4.10 26.68 8.31
C ALA A 217 5.16 25.58 8.05
N ALA A 218 6.42 25.96 8.22
CA ALA A 218 7.54 24.98 8.28
C ALA A 218 7.75 24.11 7.02
N GLY A 219 7.13 24.50 5.90
CA GLY A 219 7.21 23.75 4.64
C GLY A 219 6.05 22.79 4.40
N VAL A 220 5.09 22.78 5.32
CA VAL A 220 3.87 21.95 5.23
C VAL A 220 2.61 22.80 5.37
N ARG A 221 1.48 22.27 4.91
CA ARG A 221 0.20 22.96 5.02
C ARG A 221 -0.95 21.99 5.37
N ARG A 223 -5.58 22.00 5.88
CA ARG A 223 -6.86 22.71 5.85
C ARG A 223 -7.79 22.10 6.89
N ILE A 224 -8.35 22.97 7.73
CA ILE A 224 -9.22 22.55 8.81
C ILE A 224 -10.59 23.23 8.61
N SER A 225 -11.67 22.48 8.86
CA SER A 225 -13.01 23.04 8.93
C SER A 225 -13.67 22.68 10.26
N GLY A 226 -14.84 23.26 10.51
CA GLY A 226 -15.60 22.96 11.70
C GLY A 226 -15.14 23.83 12.84
N ALA A 227 -15.38 23.36 14.06
CA ALA A 227 -15.16 24.20 15.24
C ALA A 227 -14.22 23.53 16.25
N PRO A 228 -12.91 23.68 16.03
CA PRO A 228 -11.95 23.20 17.01
C PRO A 228 -12.17 23.88 18.34
N ALA A 229 -12.07 23.13 19.42
CA ALA A 229 -12.17 23.67 20.77
C ALA A 229 -10.76 24.11 21.20
N VAL A 230 -10.72 25.03 22.16
CA VAL A 230 -9.46 25.43 22.79
C VAL A 230 -8.68 24.20 23.30
N GLY A 231 -7.39 24.12 22.98
CA GLY A 231 -6.56 22.96 23.36
C GLY A 231 -6.55 21.82 22.35
N ASP A 232 -7.50 21.81 21.40
CA ASP A 232 -7.48 20.80 20.35
C ASP A 232 -6.23 21.01 19.54
N SER A 233 -5.66 19.89 19.05
CA SER A 233 -4.47 19.93 18.21
C SER A 233 -4.55 18.99 17.02
N PHE A 234 -3.66 19.26 16.05
CA PHE A 234 -3.49 18.43 14.87
C PHE A 234 -1.99 18.25 14.60
N GLN A 235 -1.56 16.99 14.49
CA GLN A 235 -0.14 16.68 14.29
C GLN A 235 0.17 16.39 12.83
N ILE A 236 1.36 16.80 12.36
CA ILE A 236 1.79 16.57 10.98
C ILE A 236 3.29 16.26 10.94
N GLY A 237 3.66 15.21 10.22
CA GLY A 237 5.06 14.77 10.19
C GLY A 237 5.34 13.79 9.07
N ALA A 238 6.51 13.17 9.11
CA ALA A 238 6.94 12.26 8.06
C ALA A 238 5.99 11.07 8.01
N SER A 239 5.71 10.57 6.81
CA SER A 239 4.89 9.36 6.67
C SER A 239 5.58 8.16 7.31
N GLY A 240 4.79 7.26 7.87
CA GLY A 240 5.30 5.99 8.36
C GLY A 240 4.98 4.92 7.34
N THR A 241 5.12 3.66 7.74
CA THR A 241 4.71 2.54 6.91
C THR A 241 3.72 1.66 7.69
N LYS A 242 2.70 1.18 6.99
CA LYS A 242 1.63 0.43 7.59
C LYS A 242 1.11 -0.52 6.53
N ASP A 243 0.92 -1.78 6.92
CA ASP A 243 0.46 -2.80 6.00
C ASP A 243 -1.03 -2.58 5.69
N VAL A 244 -1.47 -3.08 4.54
CA VAL A 244 -2.81 -2.78 4.07
C VAL A 244 -3.89 -3.43 4.94
N PHE A 245 -3.56 -4.59 5.52
CA PHE A 245 -4.53 -5.30 6.37
C PHE A 245 -4.83 -4.47 7.65
N SER A 246 -3.80 -3.90 8.27
CA SER A 246 -4.02 -3.02 9.42
C SER A 246 -4.85 -1.79 9.02
N THR A 247 -4.56 -1.22 7.86
CA THR A 247 -5.31 -0.05 7.39
C THR A 247 -6.80 -0.36 7.23
N ILE A 248 -7.11 -1.51 6.63
CA ILE A 248 -8.50 -1.93 6.53
C ILE A 248 -9.14 -2.20 7.90
N ASP A 249 -8.44 -2.92 8.78
CA ASP A 249 -8.90 -3.20 10.17
C ASP A 249 -9.26 -1.93 10.94
N ASP A 250 -8.39 -0.94 10.83
CA ASP A 250 -8.58 0.31 11.55
C ASP A 250 -9.79 1.06 10.99
N VAL A 252 -12.44 -0.45 9.58
CA VAL A 252 -13.59 -1.23 10.10
C VAL A 252 -13.97 -0.83 11.55
N ALA A 253 -12.95 -0.71 12.39
CA ALA A 253 -13.18 -0.43 13.80
C ALA A 253 -13.73 0.98 14.00
N ALA A 254 -13.31 1.91 13.15
CA ALA A 254 -13.80 3.26 13.17
C ALA A 254 -15.28 3.30 12.76
N LEU A 255 -15.62 2.59 11.68
CA LEU A 255 -17.00 2.56 11.15
C LEU A 255 -17.99 1.99 12.18
N ASN A 256 -17.51 1.07 13.00
CA ASN A 256 -18.34 0.46 14.06
C ASN A 256 -18.52 1.33 15.32
N SER A 257 -17.88 2.49 15.35
CA SER A 257 -17.97 3.40 16.51
C SER A 257 -19.36 4.02 16.59
N ASP A 258 -19.73 4.40 17.81
CA ASP A 258 -20.95 5.18 18.07
C ASP A 258 -20.66 6.66 17.87
N THR A 259 -21.58 7.36 17.23
CA THR A 259 -21.43 8.79 16.98
C THR A 259 -22.73 9.43 17.41
N GLN A 260 -22.84 9.68 18.69
CA GLN A 260 -24.02 10.37 19.21
C GLN A 260 -23.85 11.88 19.26
N THR A 261 -22.63 12.37 19.50
CA THR A 261 -22.38 13.81 19.54
C THR A 261 -21.65 14.33 18.30
N PRO A 262 -21.74 15.65 18.03
CA PRO A 262 -20.90 16.26 16.99
C PRO A 262 -19.40 15.96 17.18
N THR A 263 -18.93 16.00 18.42
CA THR A 263 -17.53 15.68 18.73
C THR A 263 -17.18 14.24 18.31
N GLN A 264 -18.05 13.28 18.62
CA GLN A 264 -17.79 11.87 18.27
C GLN A 264 -17.83 11.66 16.77
N LYS A 265 -18.78 12.31 16.10
CA LYS A 265 -18.86 12.20 14.65
C LYS A 265 -17.58 12.77 14.02
N ALA A 266 -17.13 13.91 14.51
CA ALA A 266 -15.93 14.52 13.96
C ALA A 266 -14.71 13.60 14.17
N ALA A 267 -14.65 12.92 15.31
CA ALA A 267 -13.53 12.02 15.63
C ALA A 267 -13.50 10.85 14.64
N ILE A 269 -15.00 10.71 11.55
CA ILE A 269 -14.71 11.21 10.23
C ILE A 269 -13.21 11.55 10.06
N ASN A 270 -12.58 12.17 11.04
CA ASN A 270 -11.12 12.38 10.98
C ASN A 270 -10.39 11.04 10.79
N THR A 271 -10.76 10.03 11.58
CA THR A 271 -10.11 8.74 11.46
C THR A 271 -10.36 8.14 10.10
N LEU A 272 -11.60 8.26 9.61
CA LEU A 272 -11.95 7.69 8.28
C LEU A 272 -11.26 8.41 7.12
N GLN A 273 -11.14 9.74 7.19
CA GLN A 273 -10.38 10.45 6.18
C GLN A 273 -8.92 10.00 6.16
N SER A 274 -8.36 9.73 7.34
CA SER A 274 -6.98 9.29 7.43
C SER A 274 -6.83 7.88 6.84
N SER A 275 -7.77 7.00 7.18
CA SER A 275 -7.80 5.65 6.64
C SER A 275 -7.87 5.68 5.11
N ARG A 277 -6.89 8.06 3.04
CA ARG A 277 -5.61 8.50 2.50
C ARG A 277 -4.62 7.33 2.44
N ASP A 278 -4.56 6.57 3.53
CA ASP A 278 -3.65 5.44 3.65
C ASP A 278 -4.06 4.33 2.70
N ILE A 279 -5.37 4.15 2.52
CA ILE A 279 -5.90 3.21 1.52
C ILE A 279 -5.54 3.62 0.10
N ALA A 280 -5.62 4.91 -0.20
CA ALA A 280 -5.20 5.45 -1.51
C ALA A 280 -3.76 5.08 -1.80
N GLN A 281 -2.91 5.15 -0.79
CA GLN A 281 -1.50 4.79 -0.94
C GLN A 281 -1.34 3.28 -1.20
N ALA A 282 -2.14 2.45 -0.53
CA ALA A 282 -2.09 1.01 -0.72
C ALA A 282 -2.57 0.62 -2.12
N SER A 283 -3.61 1.30 -2.59
CA SER A 283 -4.10 1.15 -3.97
C SER A 283 -3.02 1.48 -5.02
N SER A 284 -2.34 2.61 -4.86
CA SER A 284 -1.20 2.95 -5.73
C SER A 284 -0.05 1.91 -5.74
N LYS A 285 0.25 1.33 -4.57
CA LYS A 285 1.29 0.30 -4.45
C LYS A 285 0.89 -0.98 -5.21
N ILE A 287 -1.32 -1.13 -7.84
CA ILE A 287 -1.20 -0.75 -9.26
C ILE A 287 0.25 -1.00 -9.71
N ASP A 288 1.21 -0.45 -8.98
CA ASP A 288 2.60 -0.57 -9.36
C ASP A 288 3.10 -2.01 -9.37
N ALA A 289 2.73 -2.76 -8.34
CA ALA A 289 3.17 -4.15 -8.23
C ALA A 289 2.66 -4.97 -9.42
N ARG A 290 1.37 -4.83 -9.70
CA ARG A 290 0.74 -5.50 -10.84
C ARG A 290 1.42 -5.14 -12.14
N ALA A 291 1.69 -3.84 -12.32
CA ALA A 291 2.33 -3.38 -13.55
C ALA A 291 3.72 -3.99 -13.76
N SER A 292 4.50 -4.09 -12.68
CA SER A 292 5.86 -4.61 -12.71
C SER A 292 5.91 -6.05 -13.21
N GLY A 293 4.88 -6.82 -12.91
CA GLY A 293 4.80 -8.22 -13.31
C GLY A 293 4.78 -8.46 -14.82
N GLY A 294 4.36 -7.46 -15.59
CA GLY A 294 4.29 -7.57 -17.05
C GLY A 294 5.55 -7.11 -17.78
N ALA A 295 6.41 -6.40 -17.06
CA ALA A 295 7.49 -5.62 -17.69
C ALA A 295 8.51 -6.46 -18.48
N GLN A 296 8.72 -7.71 -18.06
CA GLN A 296 9.75 -8.52 -18.71
C GLN A 296 9.21 -9.67 -19.53
N LEU A 297 7.91 -9.63 -19.83
CA LEU A 297 7.30 -10.70 -20.60
C LEU A 297 7.85 -10.83 -22.04
N SER A 298 8.21 -9.71 -22.70
CA SER A 298 8.87 -9.80 -24.02
C SER A 298 10.20 -10.55 -23.96
N VAL A 299 10.94 -10.43 -22.86
CA VAL A 299 12.22 -11.16 -22.78
C VAL A 299 11.99 -12.65 -22.72
N ILE A 300 10.92 -13.07 -22.06
CA ILE A 300 10.55 -14.48 -22.05
C ILE A 300 10.18 -14.90 -23.47
N ASP A 301 9.40 -14.09 -24.20
CA ASP A 301 9.13 -14.39 -25.62
C ASP A 301 10.42 -14.49 -26.43
N ASN A 302 11.36 -13.58 -26.19
CA ASN A 302 12.61 -13.59 -26.96
C ASN A 302 13.46 -14.82 -26.65
N ALA A 303 13.50 -15.19 -25.37
CA ALA A 303 14.17 -16.41 -24.92
C ALA A 303 13.55 -17.62 -25.59
N ASN A 304 12.23 -17.68 -25.58
CA ASN A 304 11.52 -18.77 -26.25
C ASN A 304 11.78 -18.83 -27.77
N SER A 305 11.80 -17.70 -28.46
CA SER A 305 12.09 -17.73 -29.90
C SER A 305 13.54 -18.12 -30.20
N LEU A 306 14.48 -17.74 -29.33
CA LEU A 306 15.89 -18.11 -29.47
C LEU A 306 15.99 -19.62 -29.36
N LEU A 307 15.23 -20.18 -28.42
CA LEU A 307 15.17 -21.62 -28.22
C LEU A 307 14.59 -22.35 -29.42
N GLU A 308 13.63 -21.74 -30.11
CA GLU A 308 13.13 -22.29 -31.38
C GLU A 308 14.23 -22.33 -32.44
N SER A 309 15.09 -21.30 -32.48
CA SER A 309 16.22 -21.33 -33.43
C SER A 309 17.17 -22.46 -33.07
N ASN A 310 17.29 -22.75 -31.77
CA ASN A 310 18.07 -23.91 -31.31
C ASN A 310 17.48 -25.25 -31.76
N GLU A 311 16.16 -25.40 -31.73
CA GLU A 311 15.54 -26.61 -32.32
C GLU A 311 16.04 -26.84 -33.75
N VAL A 312 15.93 -25.80 -34.59
CA VAL A 312 16.34 -25.90 -36.00
C VAL A 312 17.81 -26.33 -36.17
N THR A 313 18.72 -25.78 -35.36
CA THR A 313 20.13 -26.17 -35.44
C THR A 313 20.37 -27.56 -34.89
N LEU A 314 19.63 -27.96 -33.84
CA LEU A 314 19.75 -29.30 -33.28
C LEU A 314 19.29 -30.35 -34.29
N LYS A 315 18.11 -30.14 -34.86
CA LYS A 315 17.51 -31.05 -35.84
C LYS A 315 18.39 -31.27 -37.08
N THR A 316 18.96 -30.18 -37.62
CA THR A 316 19.84 -30.29 -38.79
C THR A 316 21.15 -30.98 -38.43
N THR A 317 21.71 -30.67 -37.25
CA THR A 317 22.95 -31.32 -36.82
C THR A 317 22.70 -32.81 -36.55
N LEU A 318 21.54 -33.14 -35.98
CA LEU A 318 21.17 -34.54 -35.73
C LEU A 318 21.04 -35.33 -37.04
N SER A 319 20.33 -34.76 -38.01
CA SER A 319 20.20 -35.38 -39.34
C SER A 319 21.54 -35.62 -40.05
N SER A 320 22.47 -34.68 -39.94
CA SER A 320 23.79 -34.82 -40.56
C SER A 320 24.58 -36.00 -40.01
N ILE A 321 24.65 -36.10 -38.69
CA ILE A 321 25.45 -37.15 -38.05
C ILE A 321 24.80 -38.54 -38.21
#